data_1JAY
#
_entry.id   1JAY
#
_cell.length_a   54.9
_cell.length_b   69.8
_cell.length_c   145.5
_cell.angle_alpha   90.00
_cell.angle_beta   90.00
_cell.angle_gamma   90.00
#
_symmetry.space_group_name_H-M   'P 21 21 21'
#
loop_
_entity.id
_entity.type
_entity.pdbx_description
1 polymer 'Coenzyme F420H2:NADP+ Oxidoreductase (FNO)'
2 non-polymer 'SODIUM ION'
3 non-polymer 'NADP NICOTINAMIDE-ADENINE-DINUCLEOTIDE PHOSPHATE'
4 non-polymer 'COENZYME F420'
5 water water
#
_entity_poly.entity_id   1
_entity_poly.type   'polypeptide(L)'
_entity_poly.pdbx_seq_one_letter_code
;MRVALLGGTGNLGKGLALRLATLGHEIVVGSRREEKAEAKAAEYRRIAGDASITGMKNEDAAEACDIAVLTIPWEHAIDT
ARDLKNILREKIVVSPLVPVSRGAKGFTYSSERSAAEIVAEVLESEKVVSALHTIPAARFANLDEKFDWDVPVCGDDDES
KKVVMSLISEIDGLRPLDAGPLSNSRLVESLTPLILNIMRFNGMGELGIKFL
;
_entity_poly.pdbx_strand_id   A,B
#
# COMPACT_ATOMS: atom_id res chain seq x y z
N MET A 1 -21.00 11.66 -18.12
CA MET A 1 -19.99 12.10 -19.13
C MET A 1 -19.75 11.00 -20.14
N ARG A 2 -18.95 11.30 -21.16
CA ARG A 2 -18.64 10.31 -22.18
C ARG A 2 -17.26 9.76 -21.84
N VAL A 3 -17.23 8.47 -21.50
CA VAL A 3 -15.99 7.81 -21.10
C VAL A 3 -15.53 6.78 -22.09
N ALA A 4 -14.32 6.94 -22.61
CA ALA A 4 -13.76 5.96 -23.52
C ALA A 4 -12.87 5.02 -22.71
N LEU A 5 -13.00 3.72 -22.97
CA LEU A 5 -12.17 2.71 -22.31
C LEU A 5 -11.31 2.14 -23.46
N LEU A 6 -10.07 2.61 -23.57
CA LEU A 6 -9.19 2.16 -24.63
C LEU A 6 -8.69 0.77 -24.27
N GLY A 7 -8.88 -0.17 -25.20
CA GLY A 7 -8.58 -1.56 -24.90
C GLY A 7 -9.66 -2.05 -23.93
N GLY A 8 -10.86 -1.45 -23.99
CA GLY A 8 -11.94 -1.79 -23.07
C GLY A 8 -12.61 -3.13 -23.27
N THR A 9 -12.09 -3.88 -24.23
CA THR A 9 -12.55 -5.21 -24.58
C THR A 9 -12.01 -6.26 -23.60
N GLY A 10 -11.09 -5.85 -22.73
CA GLY A 10 -10.47 -6.79 -21.79
C GLY A 10 -11.01 -6.89 -20.38
N ASN A 11 -10.18 -7.41 -19.47
CA ASN A 11 -10.59 -7.63 -18.07
C ASN A 11 -11.03 -6.43 -17.24
N LEU A 12 -10.20 -5.41 -17.12
CA LEU A 12 -10.60 -4.24 -16.35
C LEU A 12 -11.65 -3.41 -17.12
N GLY A 13 -11.53 -3.37 -18.43
CA GLY A 13 -12.50 -2.62 -19.23
C GLY A 13 -13.93 -3.11 -19.02
N LYS A 14 -14.12 -4.42 -18.97
CA LYS A 14 -15.49 -4.94 -18.77
C LYS A 14 -16.13 -4.40 -17.48
N GLY A 15 -15.40 -4.50 -16.37
CA GLY A 15 -15.94 -4.02 -15.11
C GLY A 15 -16.25 -2.53 -15.10
N LEU A 16 -15.35 -1.73 -15.65
CA LEU A 16 -15.62 -0.30 -15.67
C LEU A 16 -16.84 0.00 -16.54
N ALA A 17 -16.94 -0.69 -17.67
CA ALA A 17 -18.07 -0.46 -18.59
C ALA A 17 -19.39 -0.79 -17.90
N LEU A 18 -19.45 -1.97 -17.29
CA LEU A 18 -20.68 -2.40 -16.62
C LEU A 18 -21.07 -1.47 -15.45
N ARG A 19 -20.12 -1.16 -14.57
CA ARG A 19 -20.42 -0.29 -13.43
C ARG A 19 -20.78 1.15 -13.80
N LEU A 20 -20.06 1.73 -14.76
CA LEU A 20 -20.35 3.10 -15.14
C LEU A 20 -21.58 3.25 -16.03
N ALA A 21 -21.82 2.28 -16.90
CA ALA A 21 -22.97 2.38 -17.80
C ALA A 21 -24.28 2.30 -17.02
N THR A 22 -24.33 1.44 -16.02
CA THR A 22 -25.57 1.33 -15.25
C THR A 22 -25.85 2.61 -14.44
N LEU A 23 -24.83 3.46 -14.25
CA LEU A 23 -25.02 4.71 -13.54
C LEU A 23 -25.47 5.79 -14.53
N GLY A 24 -25.59 5.40 -15.80
CA GLY A 24 -26.04 6.34 -16.82
C GLY A 24 -24.99 7.04 -17.66
N HIS A 25 -23.71 6.72 -17.45
CA HIS A 25 -22.67 7.36 -18.23
C HIS A 25 -22.62 6.72 -19.61
N GLU A 26 -22.21 7.50 -20.60
CA GLU A 26 -22.11 7.00 -21.96
C GLU A 26 -20.71 6.45 -22.11
N ILE A 27 -20.64 5.16 -22.38
CA ILE A 27 -19.37 4.44 -22.50
C ILE A 27 -19.02 4.09 -23.93
N VAL A 28 -17.75 4.29 -24.30
CA VAL A 28 -17.30 3.89 -25.60
C VAL A 28 -16.20 2.86 -25.37
N VAL A 29 -16.41 1.64 -25.84
CA VAL A 29 -15.40 0.60 -25.72
C VAL A 29 -14.49 0.75 -26.94
N GLY A 30 -13.18 0.93 -26.69
CA GLY A 30 -12.21 1.08 -27.76
C GLY A 30 -11.43 -0.19 -27.94
N SER A 31 -11.13 -0.49 -29.21
CA SER A 31 -10.37 -1.67 -29.55
C SER A 31 -9.45 -1.38 -30.76
N ARG A 32 -8.45 -2.22 -30.95
CA ARG A 32 -7.62 -2.08 -32.14
C ARG A 32 -8.52 -2.49 -33.35
N ARG A 33 -9.57 -3.25 -33.10
CA ARG A 33 -10.46 -3.70 -34.19
C ARG A 33 -11.90 -3.28 -33.92
N GLU A 34 -12.49 -2.53 -34.85
CA GLU A 34 -13.87 -2.04 -34.67
C GLU A 34 -14.87 -3.14 -34.39
N GLU A 35 -14.73 -4.28 -35.08
CA GLU A 35 -15.68 -5.39 -34.88
C GLU A 35 -15.61 -6.01 -33.51
N LYS A 36 -14.40 -6.04 -32.93
CA LYS A 36 -14.22 -6.62 -31.60
C LYS A 36 -14.83 -5.68 -30.56
N ALA A 37 -14.61 -4.37 -30.75
CA ALA A 37 -15.18 -3.37 -29.83
C ALA A 37 -16.72 -3.43 -29.90
N GLU A 38 -17.26 -3.52 -31.11
CA GLU A 38 -18.71 -3.64 -31.28
C GLU A 38 -19.23 -4.90 -30.59
N ALA A 39 -18.54 -6.02 -30.76
CA ALA A 39 -18.98 -7.28 -30.13
C ALA A 39 -18.98 -7.19 -28.60
N LYS A 40 -17.92 -6.61 -28.03
CA LYS A 40 -17.83 -6.49 -26.60
C LYS A 40 -18.84 -5.49 -26.06
N ALA A 41 -19.04 -4.38 -26.79
CA ALA A 41 -20.04 -3.40 -26.37
C ALA A 41 -21.39 -4.11 -26.33
N ALA A 42 -21.70 -4.96 -27.32
CA ALA A 42 -22.99 -5.68 -27.30
C ALA A 42 -23.09 -6.62 -26.10
N GLU A 43 -22.00 -7.34 -25.81
CA GLU A 43 -21.98 -8.24 -24.68
C GLU A 43 -22.20 -7.45 -23.37
N TYR A 44 -21.53 -6.31 -23.23
CA TYR A 44 -21.69 -5.50 -22.02
C TYR A 44 -23.11 -4.91 -21.88
N ARG A 45 -23.70 -4.44 -22.97
CA ARG A 45 -25.05 -3.88 -22.88
C ARG A 45 -26.02 -4.97 -22.43
N ARG A 46 -25.81 -6.19 -22.93
CA ARG A 46 -26.72 -7.29 -22.58
C ARG A 46 -26.64 -7.61 -21.07
N ILE A 47 -25.44 -7.65 -20.52
CA ILE A 47 -25.26 -7.93 -19.10
C ILE A 47 -25.80 -6.81 -18.23
N ALA A 48 -25.46 -5.57 -18.58
CA ALA A 48 -25.88 -4.44 -17.77
C ALA A 48 -27.36 -4.08 -17.75
N GLY A 49 -28.07 -4.39 -18.83
CA GLY A 49 -29.47 -4.05 -18.89
C GLY A 49 -29.62 -2.70 -19.55
N ASP A 50 -30.02 -1.69 -18.79
CA ASP A 50 -30.18 -0.39 -19.39
C ASP A 50 -28.80 0.25 -19.50
N ALA A 51 -28.32 0.49 -20.71
CA ALA A 51 -26.98 1.08 -20.85
C ALA A 51 -26.62 1.62 -22.24
N SER A 52 -25.90 2.73 -22.26
CA SER A 52 -25.45 3.32 -23.52
C SER A 52 -23.97 2.92 -23.61
N ILE A 53 -23.66 1.90 -24.43
CA ILE A 53 -22.28 1.44 -24.60
C ILE A 53 -22.10 1.17 -26.08
N THR A 54 -21.14 1.85 -26.69
CA THR A 54 -20.89 1.75 -28.12
C THR A 54 -19.46 1.31 -28.31
N GLY A 55 -19.20 0.57 -29.38
CA GLY A 55 -17.84 0.15 -29.64
C GLY A 55 -17.28 0.83 -30.88
N MET A 56 -15.99 1.18 -30.81
CA MET A 56 -15.30 1.79 -31.96
C MET A 56 -13.81 1.56 -31.88
N LYS A 57 -13.07 1.84 -32.94
CA LYS A 57 -11.63 1.65 -32.84
C LYS A 57 -11.11 2.69 -31.84
N ASN A 58 -9.98 2.38 -31.21
CA ASN A 58 -9.41 3.26 -30.19
C ASN A 58 -9.32 4.73 -30.61
N GLU A 59 -8.85 4.99 -31.83
CA GLU A 59 -8.71 6.38 -32.26
C GLU A 59 -10.03 7.13 -32.27
N ASP A 60 -11.09 6.49 -32.76
CA ASP A 60 -12.39 7.12 -32.78
C ASP A 60 -12.95 7.26 -31.35
N ALA A 61 -12.70 6.27 -30.50
CA ALA A 61 -13.17 6.34 -29.12
C ALA A 61 -12.50 7.52 -28.39
N ALA A 62 -11.21 7.70 -28.64
CA ALA A 62 -10.45 8.78 -28.02
C ALA A 62 -11.00 10.14 -28.46
N GLU A 63 -11.37 10.23 -29.73
CA GLU A 63 -11.88 11.47 -30.30
C GLU A 63 -13.25 11.80 -29.72
N ALA A 64 -14.05 10.76 -29.49
CA ALA A 64 -15.41 10.93 -28.98
C ALA A 64 -15.59 11.27 -27.50
N CYS A 65 -14.63 10.87 -26.67
CA CYS A 65 -14.74 11.05 -25.23
C CYS A 65 -14.34 12.39 -24.61
N ASP A 66 -14.63 12.48 -23.31
CA ASP A 66 -14.22 13.62 -22.49
C ASP A 66 -13.11 13.07 -21.57
N ILE A 67 -13.28 11.81 -21.15
CA ILE A 67 -12.32 11.14 -20.27
C ILE A 67 -11.93 9.83 -20.96
N ALA A 68 -10.64 9.48 -20.98
CA ALA A 68 -10.21 8.21 -21.59
C ALA A 68 -9.47 7.37 -20.54
N VAL A 69 -9.78 6.08 -20.42
CA VAL A 69 -9.07 5.22 -19.44
C VAL A 69 -8.22 4.25 -20.24
N LEU A 70 -6.93 4.17 -19.94
CA LEU A 70 -6.04 3.24 -20.66
C LEU A 70 -6.09 1.84 -20.05
N THR A 71 -7.10 1.04 -20.39
CA THR A 71 -7.18 -0.32 -19.85
C THR A 71 -6.44 -1.29 -20.78
N ILE A 72 -5.12 -1.06 -20.88
CA ILE A 72 -4.22 -1.81 -21.76
C ILE A 72 -2.94 -2.18 -20.97
N PRO A 73 -2.34 -3.38 -21.21
CA PRO A 73 -1.09 -3.75 -20.50
C PRO A 73 -0.15 -2.56 -20.65
N TRP A 74 0.58 -2.21 -19.59
CA TRP A 74 1.36 -0.98 -19.63
C TRP A 74 2.34 -0.74 -20.76
N GLU A 75 3.12 -1.75 -21.15
CA GLU A 75 4.11 -1.53 -22.21
C GLU A 75 3.43 -1.14 -23.53
N HIS A 76 2.29 -1.76 -23.81
CA HIS A 76 1.53 -1.44 -25.03
C HIS A 76 0.75 -0.15 -24.86
N ALA A 77 0.28 0.12 -23.65
CA ALA A 77 -0.45 1.36 -23.39
C ALA A 77 0.38 2.61 -23.71
N ILE A 78 1.68 2.54 -23.48
CA ILE A 78 2.55 3.67 -23.77
C ILE A 78 2.59 3.95 -25.28
N ASP A 79 2.69 2.89 -26.09
CA ASP A 79 2.68 3.02 -27.55
C ASP A 79 1.33 3.56 -28.07
N THR A 80 0.24 3.07 -27.49
CA THR A 80 -1.09 3.52 -27.90
C THR A 80 -1.27 4.98 -27.53
N ALA A 81 -0.81 5.37 -26.34
CA ALA A 81 -0.91 6.77 -25.93
C ALA A 81 -0.10 7.66 -26.91
N ARG A 82 1.06 7.17 -27.34
N ARG A 82 1.07 7.19 -27.33
CA ARG A 82 1.92 7.94 -28.27
CA ARG A 82 1.86 8.03 -28.24
C ARG A 82 1.15 8.12 -29.58
C ARG A 82 1.11 8.14 -29.59
N ASP A 83 0.55 7.03 -30.07
CA ASP A 83 -0.22 7.04 -31.33
C ASP A 83 -1.30 8.11 -31.29
N LEU A 84 -1.97 8.19 -30.14
CA LEU A 84 -3.10 9.09 -29.94
C LEU A 84 -2.80 10.39 -29.22
N LYS A 85 -1.53 10.74 -29.10
CA LYS A 85 -1.21 11.93 -28.32
C LYS A 85 -1.88 13.24 -28.73
N ASN A 86 -2.04 13.52 -30.03
CA ASN A 86 -2.66 14.78 -30.40
C ASN A 86 -4.12 14.84 -29.99
N ILE A 87 -4.76 13.68 -29.89
CA ILE A 87 -6.15 13.65 -29.44
C ILE A 87 -6.19 13.66 -27.92
N LEU A 88 -5.49 12.72 -27.31
CA LEU A 88 -5.49 12.60 -25.85
C LEU A 88 -4.86 13.72 -25.03
N ARG A 89 -3.96 14.49 -25.61
CA ARG A 89 -3.30 15.55 -24.86
C ARG A 89 -4.28 16.56 -24.23
N GLU A 90 -5.41 16.76 -24.92
CA GLU A 90 -6.46 17.69 -24.52
C GLU A 90 -7.56 17.09 -23.64
N LYS A 91 -7.50 15.79 -23.36
CA LYS A 91 -8.55 15.17 -22.57
C LYS A 91 -8.05 14.68 -21.22
N ILE A 92 -8.97 14.28 -20.34
CA ILE A 92 -8.55 13.74 -19.07
C ILE A 92 -8.20 12.30 -19.40
N VAL A 93 -6.99 11.85 -19.04
CA VAL A 93 -6.58 10.49 -19.31
C VAL A 93 -6.32 9.80 -17.97
N VAL A 94 -7.02 8.69 -17.73
CA VAL A 94 -6.85 7.96 -16.49
C VAL A 94 -5.89 6.80 -16.75
N SER A 95 -4.86 6.70 -15.91
CA SER A 95 -3.88 5.61 -16.00
C SER A 95 -4.04 4.63 -14.82
N PRO A 96 -4.47 3.38 -15.08
CA PRO A 96 -4.63 2.32 -14.08
C PRO A 96 -3.42 1.37 -14.30
N LEU A 97 -2.47 1.82 -15.10
CA LEU A 97 -1.30 1.01 -15.47
C LEU A 97 -0.40 0.59 -14.31
N VAL A 98 -0.04 -0.70 -14.23
CA VAL A 98 0.85 -1.19 -13.17
C VAL A 98 2.04 -1.96 -13.76
N PRO A 99 3.28 -1.49 -13.55
CA PRO A 99 4.47 -2.17 -14.05
C PRO A 99 4.77 -3.24 -12.99
N VAL A 100 4.35 -4.48 -13.25
CA VAL A 100 4.59 -5.55 -12.28
C VAL A 100 5.16 -6.76 -13.01
N SER A 101 6.12 -7.42 -12.37
CA SER A 101 6.72 -8.63 -12.92
C SER A 101 6.64 -9.73 -11.87
N ARG A 102 6.64 -10.99 -12.33
CA ARG A 102 6.63 -12.08 -11.35
C ARG A 102 8.06 -12.62 -11.24
N GLY A 103 8.34 -13.32 -10.16
CA GLY A 103 9.67 -13.86 -9.97
C GLY A 103 9.62 -15.01 -8.99
N ALA A 104 10.72 -15.71 -8.82
CA ALA A 104 10.72 -16.85 -7.89
C ALA A 104 10.38 -16.39 -6.48
N LYS A 105 10.79 -15.18 -6.11
CA LYS A 105 10.54 -14.72 -4.76
C LYS A 105 9.35 -13.80 -4.59
N GLY A 106 8.49 -13.79 -5.59
CA GLY A 106 7.30 -12.96 -5.54
C GLY A 106 7.22 -11.92 -6.65
N PHE A 107 6.19 -11.10 -6.57
CA PHE A 107 5.96 -10.07 -7.56
C PHE A 107 6.78 -8.82 -7.22
N THR A 108 7.25 -8.12 -8.24
CA THR A 108 8.06 -6.94 -8.02
C THR A 108 7.58 -5.77 -8.88
N TYR A 109 7.85 -4.55 -8.43
CA TYR A 109 7.51 -3.34 -9.19
C TYR A 109 8.58 -3.31 -10.28
N SER A 110 8.18 -3.24 -11.54
CA SER A 110 9.15 -3.37 -12.62
C SER A 110 9.64 -2.14 -13.34
N SER A 111 9.43 -0.96 -12.79
CA SER A 111 9.89 0.25 -13.46
C SER A 111 10.62 1.19 -12.50
N GLU A 112 11.51 2.01 -13.05
CA GLU A 112 12.25 2.97 -12.25
C GLU A 112 11.48 4.32 -12.17
N ARG A 113 10.47 4.47 -13.02
CA ARG A 113 9.62 5.66 -13.05
C ARG A 113 8.18 5.13 -13.06
N SER A 114 7.24 5.85 -12.46
CA SER A 114 5.87 5.32 -12.48
C SER A 114 5.31 5.33 -13.91
N ALA A 115 4.43 4.37 -14.16
CA ALA A 115 3.78 4.27 -15.45
C ALA A 115 2.97 5.54 -15.77
N ALA A 116 2.30 6.09 -14.77
CA ALA A 116 1.48 7.29 -15.01
C ALA A 116 2.33 8.48 -15.42
N GLU A 117 3.50 8.63 -14.78
CA GLU A 117 4.35 9.75 -15.16
C GLU A 117 4.93 9.53 -16.55
N ILE A 118 5.21 8.27 -16.89
CA ILE A 118 5.72 7.97 -18.25
C ILE A 118 4.63 8.35 -19.28
N VAL A 119 3.38 8.05 -18.98
CA VAL A 119 2.28 8.41 -19.87
C VAL A 119 2.16 9.94 -19.98
N ALA A 120 2.27 10.64 -18.85
CA ALA A 120 2.17 12.09 -18.89
C ALA A 120 3.24 12.67 -19.80
N GLU A 121 4.42 12.06 -19.78
CA GLU A 121 5.54 12.49 -20.62
C GLU A 121 5.28 12.23 -22.11
N VAL A 122 4.79 11.03 -22.44
CA VAL A 122 4.51 10.69 -23.81
C VAL A 122 3.42 11.60 -24.38
N LEU A 123 2.43 11.94 -23.56
CA LEU A 123 1.32 12.78 -24.02
C LEU A 123 1.62 14.27 -23.93
N GLU A 124 2.68 14.63 -23.23
CA GLU A 124 3.00 16.02 -23.00
C GLU A 124 1.74 16.67 -22.41
N SER A 125 1.16 15.99 -21.43
CA SER A 125 -0.07 16.45 -20.79
C SER A 125 0.06 16.62 -19.29
N GLU A 126 -0.74 17.55 -18.76
CA GLU A 126 -0.78 17.81 -17.33
C GLU A 126 -2.09 17.21 -16.78
N LYS A 127 -2.89 16.61 -17.67
CA LYS A 127 -4.18 16.04 -17.28
C LYS A 127 -4.25 14.53 -17.09
N VAL A 128 -3.12 13.93 -16.75
CA VAL A 128 -3.13 12.49 -16.51
C VAL A 128 -3.49 12.32 -15.03
N VAL A 129 -4.42 11.40 -14.76
CA VAL A 129 -4.82 11.09 -13.39
C VAL A 129 -4.55 9.61 -13.20
N SER A 130 -3.85 9.26 -12.13
CA SER A 130 -3.50 7.87 -11.85
C SER A 130 -4.52 7.28 -10.90
N ALA A 131 -5.13 6.15 -11.28
CA ALA A 131 -6.14 5.53 -10.41
C ALA A 131 -6.55 4.16 -10.91
N LEU A 132 -7.18 3.41 -9.99
CA LEU A 132 -7.79 2.10 -10.22
C LEU A 132 -6.89 0.86 -10.18
N HIS A 133 -5.65 1.06 -9.78
CA HIS A 133 -4.67 -0.01 -9.73
C HIS A 133 -4.99 -1.17 -8.81
N THR A 134 -5.78 -0.91 -7.76
CA THR A 134 -6.03 -1.99 -6.79
C THR A 134 -7.45 -2.56 -6.85
N ILE A 135 -8.07 -2.47 -8.03
CA ILE A 135 -9.42 -2.99 -8.23
C ILE A 135 -9.27 -4.33 -9.00
N PRO A 136 -9.45 -5.49 -8.31
CA PRO A 136 -9.31 -6.76 -9.03
C PRO A 136 -10.41 -6.90 -10.08
N ALA A 137 -10.00 -7.10 -11.33
CA ALA A 137 -10.93 -7.17 -12.46
C ALA A 137 -12.10 -8.19 -12.39
N ALA A 138 -11.81 -9.46 -12.08
CA ALA A 138 -12.88 -10.45 -12.06
C ALA A 138 -13.96 -10.10 -11.04
N ARG A 139 -13.57 -9.81 -9.81
CA ARG A 139 -14.56 -9.45 -8.80
C ARG A 139 -15.28 -8.18 -9.17
N PHE A 140 -14.56 -7.20 -9.72
CA PHE A 140 -15.16 -5.94 -10.08
C PHE A 140 -16.25 -6.12 -11.16
N ALA A 141 -15.99 -7.01 -12.09
CA ALA A 141 -16.92 -7.25 -13.21
C ALA A 141 -18.10 -8.13 -12.84
N ASN A 142 -18.07 -8.73 -11.65
CA ASN A 142 -19.18 -9.58 -11.20
C ASN A 142 -20.23 -8.69 -10.53
N LEU A 143 -21.33 -8.45 -11.24
CA LEU A 143 -22.37 -7.57 -10.71
C LEU A 143 -23.09 -8.09 -9.46
N ASP A 144 -22.83 -9.34 -9.10
CA ASP A 144 -23.42 -9.93 -7.90
C ASP A 144 -22.46 -9.75 -6.72
N GLU A 145 -21.20 -9.48 -7.03
CA GLU A 145 -20.14 -9.29 -6.04
C GLU A 145 -20.34 -8.05 -5.17
N LYS A 146 -20.04 -8.15 -3.89
CA LYS A 146 -20.12 -6.99 -3.01
C LYS A 146 -18.70 -6.68 -2.53
N PHE A 147 -18.32 -5.41 -2.50
CA PHE A 147 -16.99 -5.03 -2.06
C PHE A 147 -16.98 -3.65 -1.41
N ASP A 148 -15.90 -3.38 -0.68
CA ASP A 148 -15.73 -2.11 0.01
C ASP A 148 -14.26 -1.79 -0.17
N TRP A 149 -13.94 -1.08 -1.26
CA TRP A 149 -12.56 -0.75 -1.56
C TRP A 149 -12.27 0.73 -1.65
N ASP A 150 -11.02 1.10 -1.34
CA ASP A 150 -10.56 2.46 -1.47
C ASP A 150 -9.73 2.51 -2.75
N VAL A 151 -9.73 3.67 -3.40
CA VAL A 151 -9.03 3.87 -4.66
C VAL A 151 -8.15 5.13 -4.55
N PRO A 152 -6.84 4.96 -4.29
CA PRO A 152 -5.94 6.12 -4.18
C PRO A 152 -5.89 6.75 -5.57
N VAL A 153 -5.95 8.08 -5.63
CA VAL A 153 -5.92 8.79 -6.90
C VAL A 153 -4.85 9.91 -6.84
N CYS A 154 -3.95 9.93 -7.83
N CYS A 154 -3.94 9.97 -7.80
CA CYS A 154 -2.91 10.95 -7.92
CA CYS A 154 -3.01 11.08 -7.76
C CYS A 154 -3.03 11.78 -9.17
C CYS A 154 -2.97 11.75 -9.12
N GLY A 155 -2.50 13.00 -9.14
CA GLY A 155 -2.53 13.79 -10.35
C GLY A 155 -2.14 15.22 -10.02
N ASP A 156 -1.64 15.93 -11.03
CA ASP A 156 -1.20 17.31 -10.87
C ASP A 156 -2.21 18.38 -11.21
N ASP A 157 -3.24 18.03 -11.96
CA ASP A 157 -4.27 19.02 -12.33
C ASP A 157 -5.47 18.88 -11.43
N ASP A 158 -5.70 19.88 -10.57
CA ASP A 158 -6.79 19.83 -9.61
C ASP A 158 -8.15 19.51 -10.21
N GLU A 159 -8.51 20.19 -11.29
CA GLU A 159 -9.82 19.97 -11.90
C GLU A 159 -9.97 18.53 -12.44
N SER A 160 -8.96 18.07 -13.18
CA SER A 160 -9.01 16.73 -13.76
C SER A 160 -9.13 15.68 -12.65
N LYS A 161 -8.33 15.84 -11.59
CA LYS A 161 -8.40 14.89 -10.47
C LYS A 161 -9.79 14.92 -9.80
N LYS A 162 -10.36 16.10 -9.63
CA LYS A 162 -11.67 16.23 -9.00
C LYS A 162 -12.74 15.49 -9.84
N VAL A 163 -12.68 15.66 -11.17
CA VAL A 163 -13.64 15.00 -12.05
C VAL A 163 -13.50 13.47 -11.91
N VAL A 164 -12.26 12.98 -11.92
CA VAL A 164 -12.07 11.53 -11.82
C VAL A 164 -12.50 10.99 -10.47
N MET A 165 -12.15 11.68 -9.39
CA MET A 165 -12.56 11.21 -8.08
C MET A 165 -14.09 11.19 -8.01
N SER A 166 -14.73 12.21 -8.52
CA SER A 166 -16.20 12.25 -8.48
C SER A 166 -16.79 11.07 -9.23
N LEU A 167 -16.23 10.74 -10.39
CA LEU A 167 -16.72 9.63 -11.17
C LEU A 167 -16.58 8.31 -10.41
N ILE A 168 -15.40 8.07 -9.84
CA ILE A 168 -15.16 6.86 -9.09
C ILE A 168 -16.09 6.74 -7.89
N SER A 169 -16.30 7.87 -7.21
CA SER A 169 -17.17 7.92 -6.04
C SER A 169 -18.60 7.49 -6.34
N GLU A 170 -19.07 7.72 -7.58
CA GLU A 170 -20.44 7.31 -7.93
C GLU A 170 -20.63 5.81 -7.87
N ILE A 171 -19.56 5.06 -8.04
CA ILE A 171 -19.66 3.60 -8.00
C ILE A 171 -19.79 3.11 -6.57
N ASP A 172 -20.88 2.39 -6.30
N ASP A 172 -20.89 2.40 -6.30
CA ASP A 172 -21.13 1.86 -4.96
CA ASP A 172 -21.13 1.86 -4.96
C ASP A 172 -20.06 0.85 -4.59
C ASP A 172 -20.06 0.84 -4.58
N GLY A 173 -19.41 1.05 -3.43
CA GLY A 173 -18.36 0.12 -3.01
C GLY A 173 -16.96 0.69 -3.24
N LEU A 174 -16.87 1.81 -3.97
CA LEU A 174 -15.55 2.45 -4.17
C LEU A 174 -15.53 3.81 -3.49
N ARG A 175 -14.41 4.13 -2.84
CA ARG A 175 -14.22 5.41 -2.21
C ARG A 175 -12.87 5.92 -2.69
N PRO A 176 -12.85 7.02 -3.47
CA PRO A 176 -11.56 7.55 -3.96
C PRO A 176 -10.88 8.36 -2.86
N LEU A 177 -9.55 8.33 -2.81
CA LEU A 177 -8.82 9.10 -1.79
C LEU A 177 -7.68 9.81 -2.50
N ASP A 178 -7.57 11.12 -2.31
CA ASP A 178 -6.52 11.90 -2.95
C ASP A 178 -5.18 11.50 -2.35
N ALA A 179 -4.24 11.03 -3.17
CA ALA A 179 -2.91 10.64 -2.68
C ALA A 179 -1.86 11.69 -3.08
N GLY A 180 -2.31 12.82 -3.63
CA GLY A 180 -1.38 13.88 -3.98
C GLY A 180 -0.99 14.02 -5.44
N PRO A 181 0.18 14.59 -5.70
CA PRO A 181 0.71 14.81 -7.05
C PRO A 181 1.03 13.53 -7.81
N LEU A 182 1.20 13.64 -9.13
CA LEU A 182 1.50 12.46 -9.92
C LEU A 182 2.84 11.84 -9.49
N SER A 183 3.71 12.61 -8.84
CA SER A 183 4.99 12.07 -8.36
C SER A 183 4.77 11.03 -7.24
N ASN A 184 3.53 10.87 -6.77
CA ASN A 184 3.27 9.84 -5.77
C ASN A 184 2.69 8.58 -6.46
N SER A 185 2.58 8.61 -7.79
N SER A 185 2.57 8.62 -7.78
CA SER A 185 2.01 7.45 -8.49
CA SER A 185 2.03 7.46 -8.51
C SER A 185 2.79 6.17 -8.27
C SER A 185 2.79 6.17 -8.27
N ARG A 186 4.11 6.26 -8.10
CA ARG A 186 4.85 5.03 -7.86
C ARG A 186 4.36 4.36 -6.56
N LEU A 187 4.09 5.16 -5.53
CA LEU A 187 3.61 4.58 -4.27
C LEU A 187 2.25 3.89 -4.47
N VAL A 188 1.39 4.49 -5.28
CA VAL A 188 0.07 3.90 -5.53
C VAL A 188 0.16 2.65 -6.39
N GLU A 189 0.92 2.72 -7.48
CA GLU A 189 1.08 1.58 -8.38
C GLU A 189 1.74 0.40 -7.67
N SER A 190 2.63 0.71 -6.72
CA SER A 190 3.32 -0.34 -5.98
C SER A 190 2.39 -1.15 -5.08
N LEU A 191 1.19 -0.64 -4.84
CA LEU A 191 0.24 -1.39 -4.03
C LEU A 191 -0.12 -2.70 -4.69
N THR A 192 -0.15 -2.71 -6.02
CA THR A 192 -0.56 -3.93 -6.72
C THR A 192 0.40 -5.12 -6.53
N PRO A 193 1.71 -4.93 -6.75
CA PRO A 193 2.56 -6.10 -6.54
C PRO A 193 2.52 -6.51 -5.06
N LEU A 194 2.30 -5.56 -4.15
CA LEU A 194 2.20 -5.94 -2.72
C LEU A 194 0.96 -6.84 -2.54
N ILE A 195 -0.16 -6.41 -3.11
CA ILE A 195 -1.38 -7.22 -3.00
C ILE A 195 -1.20 -8.59 -3.64
N LEU A 196 -0.57 -8.66 -4.82
CA LEU A 196 -0.35 -9.95 -5.47
C LEU A 196 0.51 -10.86 -4.59
N ASN A 197 1.48 -10.30 -3.87
CA ASN A 197 2.31 -11.09 -2.96
C ASN A 197 1.48 -11.60 -1.77
N ILE A 198 0.59 -10.76 -1.23
CA ILE A 198 -0.27 -11.16 -0.11
C ILE A 198 -1.14 -12.32 -0.59
N MET A 199 -1.66 -12.23 -1.82
CA MET A 199 -2.50 -13.30 -2.33
C MET A 199 -1.71 -14.60 -2.47
N ARG A 200 -0.51 -14.48 -3.01
CA ARG A 200 0.37 -15.63 -3.24
C ARG A 200 0.79 -16.31 -1.97
N PHE A 201 1.30 -15.53 -1.01
CA PHE A 201 1.83 -16.13 0.21
C PHE A 201 0.83 -16.50 1.31
N ASN A 202 -0.45 -16.13 1.14
CA ASN A 202 -1.48 -16.49 2.12
C ASN A 202 -2.60 -17.31 1.47
N GLY A 203 -2.39 -17.68 0.22
CA GLY A 203 -3.38 -18.48 -0.48
C GLY A 203 -4.75 -17.81 -0.51
N MET A 204 -4.79 -16.52 -0.80
CA MET A 204 -6.05 -15.82 -0.85
C MET A 204 -6.42 -15.45 -2.27
N GLY A 205 -7.71 -15.27 -2.52
CA GLY A 205 -8.19 -14.89 -3.84
C GLY A 205 -7.98 -13.40 -4.02
N GLU A 206 -8.63 -12.80 -5.02
CA GLU A 206 -8.49 -11.38 -5.33
C GLU A 206 -8.88 -10.43 -4.22
N LEU A 207 -7.99 -9.46 -3.98
CA LEU A 207 -8.20 -8.50 -2.91
C LEU A 207 -8.03 -7.07 -3.37
N GLY A 208 -8.71 -6.19 -2.66
CA GLY A 208 -8.61 -4.75 -2.86
C GLY A 208 -8.08 -4.30 -1.51
N ILE A 209 -8.03 -3.00 -1.28
N ILE A 209 -8.03 -3.00 -1.28
CA ILE A 209 -7.55 -2.51 0.00
CA ILE A 209 -7.56 -2.51 0.01
C ILE A 209 -8.45 -1.40 0.56
C ILE A 209 -8.45 -1.41 0.56
N LYS A 210 -8.42 -1.23 1.88
CA LYS A 210 -9.22 -0.20 2.56
C LYS A 210 -8.33 0.48 3.60
N PHE A 211 -8.45 1.81 3.73
CA PHE A 211 -7.66 2.53 4.75
C PHE A 211 -8.67 2.80 5.86
N LEU A 212 -8.30 2.43 7.10
CA LEU A 212 -9.22 2.56 8.22
C LEU A 212 -8.50 2.69 9.58
N MET B 1 6.74 -14.48 25.85
CA MET B 1 8.23 -14.45 25.75
C MET B 1 8.82 -13.12 26.17
N ARG B 2 10.14 -12.99 26.02
CA ARG B 2 10.82 -11.79 26.45
C ARG B 2 11.07 -10.90 25.24
N VAL B 3 10.47 -9.72 25.26
CA VAL B 3 10.59 -8.78 24.15
C VAL B 3 11.23 -7.47 24.53
N ALA B 4 12.32 -7.14 23.87
CA ALA B 4 12.95 -5.83 24.13
C ALA B 4 12.47 -4.85 23.06
N LEU B 5 12.18 -3.62 23.47
CA LEU B 5 11.74 -2.57 22.52
C LEU B 5 12.88 -1.56 22.56
N LEU B 6 13.80 -1.65 21.58
CA LEU B 6 14.93 -0.72 21.56
C LEU B 6 14.40 0.61 21.08
N GLY B 7 14.68 1.67 21.85
CA GLY B 7 14.14 3.00 21.57
C GLY B 7 12.65 2.90 21.95
N GLY B 8 12.31 1.99 22.86
CA GLY B 8 10.91 1.77 23.26
C GLY B 8 10.24 2.85 24.07
N THR B 9 10.99 3.92 24.29
CA THR B 9 10.54 5.12 25.02
C THR B 9 9.72 6.05 24.13
N GLY B 10 9.65 5.76 22.83
CA GLY B 10 8.93 6.61 21.91
C GLY B 10 7.51 6.22 21.56
N ASN B 11 7.07 6.72 20.42
CA ASN B 11 5.71 6.55 19.93
C ASN B 11 5.26 5.13 19.74
N LEU B 12 5.95 4.38 18.88
CA LEU B 12 5.55 2.99 18.64
C LEU B 12 5.88 2.04 19.83
N GLY B 13 6.97 2.33 20.54
CA GLY B 13 7.33 1.49 21.65
C GLY B 13 6.23 1.46 22.70
N LYS B 14 5.63 2.61 22.96
CA LYS B 14 4.58 2.66 23.99
C LYS B 14 3.43 1.70 23.71
N GLY B 15 2.88 1.73 22.49
CA GLY B 15 1.77 0.84 22.16
C GLY B 15 2.16 -0.62 22.21
N LEU B 16 3.36 -0.96 21.71
CA LEU B 16 3.80 -2.34 21.75
C LEU B 16 3.96 -2.78 23.19
N ALA B 17 4.52 -1.93 24.03
CA ALA B 17 4.72 -2.27 25.43
C ALA B 17 3.39 -2.55 26.13
N LEU B 18 2.44 -1.65 25.97
CA LEU B 18 1.15 -1.83 26.63
C LEU B 18 0.38 -3.08 26.12
N ARG B 19 0.29 -3.24 24.79
CA ARG B 19 -0.46 -4.37 24.21
C ARG B 19 0.16 -5.72 24.55
N LEU B 20 1.47 -5.83 24.40
CA LEU B 20 2.14 -7.09 24.68
C LEU B 20 2.23 -7.45 26.16
N ALA B 21 2.44 -6.45 27.01
CA ALA B 21 2.57 -6.69 28.45
C ALA B 21 1.25 -7.23 29.04
N THR B 22 0.13 -6.68 28.57
CA THR B 22 -1.17 -7.12 29.07
C THR B 22 -1.46 -8.54 28.60
N LEU B 23 -0.73 -8.99 27.58
CA LEU B 23 -0.91 -10.34 27.08
C LEU B 23 0.01 -11.30 27.84
N GLY B 24 0.74 -10.78 28.83
CA GLY B 24 1.60 -11.64 29.61
C GLY B 24 3.08 -11.73 29.24
N HIS B 25 3.48 -11.07 28.16
CA HIS B 25 4.89 -11.10 27.76
C HIS B 25 5.73 -10.21 28.67
N GLU B 26 7.02 -10.56 28.81
CA GLU B 26 7.99 -9.82 29.59
C GLU B 26 8.52 -8.74 28.65
N ILE B 27 8.38 -7.48 29.03
CA ILE B 27 8.80 -6.38 28.16
C ILE B 27 9.98 -5.66 28.77
N VAL B 28 11.00 -5.37 27.95
CA VAL B 28 12.11 -4.57 28.44
C VAL B 28 12.19 -3.37 27.51
N VAL B 29 11.95 -2.19 28.05
CA VAL B 29 12.02 -0.95 27.31
C VAL B 29 13.49 -0.52 27.27
N GLY B 30 14.03 -0.31 26.07
CA GLY B 30 15.40 0.13 25.96
C GLY B 30 15.53 1.62 25.58
N SER B 31 16.59 2.24 26.05
CA SER B 31 16.84 3.65 25.75
C SER B 31 18.32 3.90 25.69
N ARG B 32 18.70 5.01 25.08
CA ARG B 32 20.10 5.36 25.09
C ARG B 32 20.45 5.77 26.53
N ARG B 33 19.43 6.13 27.31
CA ARG B 33 19.66 6.55 28.69
C ARG B 33 18.91 5.66 29.69
N GLU B 34 19.66 5.07 30.61
CA GLU B 34 19.05 4.17 31.58
C GLU B 34 17.85 4.79 32.30
N GLU B 35 18.02 6.03 32.79
CA GLU B 35 16.94 6.69 33.56
C GLU B 35 15.69 6.91 32.73
N LYS B 36 15.86 7.23 31.46
CA LYS B 36 14.70 7.47 30.59
C LYS B 36 13.94 6.18 30.36
N ALA B 37 14.66 5.07 30.18
CA ALA B 37 13.98 3.79 29.98
C ALA B 37 13.23 3.41 31.26
N GLU B 38 13.86 3.62 32.40
CA GLU B 38 13.22 3.29 33.68
C GLU B 38 11.98 4.15 33.89
N ALA B 39 12.06 5.45 33.54
CA ALA B 39 10.92 6.33 33.71
C ALA B 39 9.76 5.93 32.81
N LYS B 40 10.06 5.61 31.55
CA LYS B 40 9.00 5.17 30.64
C LYS B 40 8.40 3.84 31.06
N ALA B 41 9.24 2.90 31.54
CA ALA B 41 8.74 1.62 32.02
C ALA B 41 7.75 1.88 33.19
N ALA B 42 8.07 2.82 34.08
CA ALA B 42 7.15 3.15 35.20
C ALA B 42 5.84 3.72 34.66
N GLU B 43 5.92 4.58 33.65
CA GLU B 43 4.72 5.15 33.04
C GLU B 43 3.87 4.04 32.39
N TYR B 44 4.54 3.11 31.71
CA TYR B 44 3.83 2.05 31.05
C TYR B 44 3.20 1.07 32.04
N ARG B 45 3.92 0.75 33.11
N ARG B 45 3.91 0.73 33.12
CA ARG B 45 3.37 -0.16 34.12
CA ARG B 45 3.33 -0.20 34.10
C ARG B 45 2.10 0.43 34.74
C ARG B 45 2.18 0.42 34.89
N ARG B 46 2.09 1.74 34.91
CA ARG B 46 0.98 2.43 35.57
C ARG B 46 -0.27 2.30 34.69
N ILE B 47 -0.09 2.48 33.38
CA ILE B 47 -1.18 2.39 32.42
C ILE B 47 -1.67 0.95 32.21
N ALA B 48 -0.75 0.03 31.95
CA ALA B 48 -1.12 -1.36 31.70
C ALA B 48 -1.70 -2.10 32.90
N GLY B 49 -1.37 -1.65 34.10
CA GLY B 49 -1.85 -2.33 35.29
C GLY B 49 -0.90 -3.47 35.63
N ASP B 50 -1.44 -4.67 35.78
CA ASP B 50 -0.60 -5.83 36.11
C ASP B 50 0.18 -6.23 34.86
N ALA B 51 1.50 -6.12 34.92
CA ALA B 51 2.32 -6.46 33.77
C ALA B 51 3.79 -6.46 34.13
N SER B 52 4.59 -7.18 33.36
CA SER B 52 6.02 -7.25 33.62
C SER B 52 6.73 -6.34 32.59
N ILE B 53 7.05 -5.12 32.99
CA ILE B 53 7.71 -4.14 32.11
C ILE B 53 8.82 -3.46 32.89
N THR B 54 10.05 -3.52 32.39
CA THR B 54 11.15 -2.85 33.07
C THR B 54 11.91 -2.06 32.00
N GLY B 55 12.88 -1.24 32.41
CA GLY B 55 13.60 -0.42 31.45
C GLY B 55 15.09 -0.50 31.72
N MET B 56 15.90 -0.40 30.67
CA MET B 56 17.36 -0.50 30.77
C MET B 56 17.96 0.24 29.56
N LYS B 57 19.28 0.39 29.52
CA LYS B 57 19.89 0.95 28.32
C LYS B 57 19.68 -0.10 27.21
N ASN B 58 19.63 0.36 25.96
CA ASN B 58 19.46 -0.54 24.81
C ASN B 58 20.36 -1.75 24.78
N GLU B 59 21.65 -1.56 25.05
CA GLU B 59 22.56 -2.72 25.00
C GLU B 59 22.17 -3.77 26.03
N ASP B 60 21.76 -3.35 27.23
CA ASP B 60 21.34 -4.31 28.27
C ASP B 60 19.99 -4.96 27.91
N ALA B 61 19.07 -4.16 27.36
CA ALA B 61 17.77 -4.70 26.94
C ALA B 61 17.95 -5.76 25.82
N ALA B 62 18.83 -5.49 24.85
CA ALA B 62 19.08 -6.41 23.73
C ALA B 62 19.58 -7.78 24.24
N GLU B 63 20.41 -7.73 25.26
CA GLU B 63 20.98 -8.92 25.88
C GLU B 63 19.86 -9.69 26.61
N ALA B 64 18.99 -8.96 27.29
CA ALA B 64 17.91 -9.57 28.08
C ALA B 64 16.59 -9.82 27.34
N CYS B 65 16.64 -10.38 26.14
CA CYS B 65 15.40 -10.63 25.40
C CYS B 65 15.58 -11.83 24.47
N ASP B 66 14.47 -12.25 23.88
CA ASP B 66 14.47 -13.32 22.87
C ASP B 66 14.17 -12.65 21.51
N ILE B 67 13.31 -11.64 21.55
CA ILE B 67 12.91 -10.90 20.34
C ILE B 67 13.24 -9.43 20.62
N ALA B 68 13.89 -8.75 19.68
CA ALA B 68 14.18 -7.32 19.85
C ALA B 68 13.47 -6.56 18.75
N VAL B 69 12.67 -5.55 19.09
CA VAL B 69 11.99 -4.73 18.08
C VAL B 69 12.72 -3.39 17.96
N LEU B 70 13.06 -2.98 16.75
CA LEU B 70 13.76 -1.71 16.59
C LEU B 70 12.80 -0.53 16.44
N THR B 71 12.32 0.02 17.55
CA THR B 71 11.40 1.16 17.48
C THR B 71 12.15 2.49 17.57
N ILE B 72 13.01 2.70 16.57
CA ILE B 72 13.87 3.85 16.42
C ILE B 72 13.78 4.34 14.97
N PRO B 73 13.90 5.65 14.71
CA PRO B 73 13.85 6.22 13.34
C PRO B 73 14.87 5.45 12.51
N TRP B 74 14.50 5.10 11.29
CA TRP B 74 15.31 4.18 10.48
C TRP B 74 16.82 4.31 10.34
N GLU B 75 17.34 5.51 10.07
CA GLU B 75 18.79 5.63 9.91
C GLU B 75 19.50 5.35 11.21
N HIS B 76 18.94 5.85 12.31
CA HIS B 76 19.54 5.65 13.62
C HIS B 76 19.34 4.21 14.10
N ALA B 77 18.24 3.59 13.68
CA ALA B 77 17.96 2.19 14.03
C ALA B 77 19.06 1.32 13.41
N ILE B 78 19.42 1.61 12.17
CA ILE B 78 20.48 0.85 11.51
C ILE B 78 21.83 1.03 12.24
N ASP B 79 22.14 2.24 12.67
CA ASP B 79 23.41 2.45 13.38
C ASP B 79 23.37 1.72 14.72
N THR B 80 22.22 1.74 15.37
CA THR B 80 22.08 1.05 16.64
C THR B 80 22.23 -0.46 16.44
N ALA B 81 21.64 -1.00 15.37
CA ALA B 81 21.77 -2.44 15.13
C ALA B 81 23.24 -2.78 14.88
N ARG B 82 23.94 -1.89 14.18
CA ARG B 82 25.36 -2.13 13.91
C ARG B 82 26.14 -2.18 15.23
N ASP B 83 25.87 -1.24 16.12
CA ASP B 83 26.58 -1.19 17.41
C ASP B 83 26.31 -2.43 18.25
N LEU B 84 25.09 -2.92 18.18
CA LEU B 84 24.70 -4.09 18.97
C LEU B 84 24.68 -5.37 18.15
N LYS B 85 25.40 -5.40 17.03
CA LYS B 85 25.30 -6.59 16.18
C LYS B 85 25.68 -7.93 16.82
N ASN B 86 26.70 -7.96 17.66
CA ASN B 86 27.11 -9.22 18.26
C ASN B 86 26.03 -9.80 19.17
N ILE B 87 25.19 -8.94 19.72
CA ILE B 87 24.08 -9.39 20.55
C ILE B 87 22.87 -9.73 19.68
N LEU B 88 22.50 -8.79 18.82
CA LEU B 88 21.31 -8.96 17.98
C LEU B 88 21.34 -10.05 16.94
N ARG B 89 22.53 -10.40 16.45
CA ARG B 89 22.64 -11.43 15.41
C ARG B 89 22.03 -12.75 15.85
N GLU B 90 22.01 -12.98 17.17
CA GLU B 90 21.49 -14.21 17.74
C GLU B 90 20.01 -14.19 18.11
N LYS B 91 19.38 -13.02 18.02
CA LYS B 91 17.96 -12.87 18.40
C LYS B 91 17.05 -12.76 17.18
N ILE B 92 15.74 -12.82 17.41
CA ILE B 92 14.81 -12.55 16.34
C ILE B 92 14.74 -11.01 16.39
N VAL B 93 14.98 -10.34 15.28
CA VAL B 93 14.93 -8.88 15.26
C VAL B 93 13.76 -8.45 14.39
N VAL B 94 12.85 -7.66 14.96
CA VAL B 94 11.71 -7.18 14.20
C VAL B 94 12.02 -5.75 13.74
N SER B 95 11.85 -5.53 12.45
CA SER B 95 12.08 -4.23 11.85
C SER B 95 10.77 -3.60 11.38
N PRO B 96 10.31 -2.51 12.05
CA PRO B 96 9.09 -1.78 11.69
C PRO B 96 9.60 -0.48 11.00
N LEU B 97 10.87 -0.49 10.64
CA LEU B 97 11.54 0.69 10.07
C LEU B 97 10.99 1.16 8.75
N VAL B 98 10.75 2.47 8.63
CA VAL B 98 10.26 3.01 7.37
C VAL B 98 11.14 4.18 6.86
N PRO B 99 11.78 4.01 5.70
CA PRO B 99 12.60 5.09 5.16
C PRO B 99 11.60 6.06 4.54
N VAL B 100 11.13 7.03 5.30
CA VAL B 100 10.19 8.01 4.74
C VAL B 100 10.66 9.43 5.00
N SER B 101 10.51 10.29 4.00
N SER B 101 10.49 10.28 4.00
CA SER B 101 10.88 11.69 4.10
CA SER B 101 10.86 11.68 4.08
C SER B 101 9.62 12.54 3.91
C SER B 101 9.61 12.54 3.91
N ARG B 102 9.40 13.51 4.79
CA ARG B 102 8.24 14.40 4.71
C ARG B 102 8.70 15.61 3.90
N GLY B 103 8.37 15.62 2.61
CA GLY B 103 8.76 16.70 1.72
C GLY B 103 7.71 17.77 1.47
N ALA B 104 8.14 18.84 0.81
CA ALA B 104 7.26 19.94 0.50
C ALA B 104 6.06 19.49 -0.35
N LYS B 105 6.30 18.60 -1.31
CA LYS B 105 5.22 18.16 -2.20
C LYS B 105 4.52 16.88 -1.78
N GLY B 106 5.05 16.23 -0.72
CA GLY B 106 4.46 15.01 -0.24
C GLY B 106 5.47 14.11 0.47
N PHE B 107 5.04 12.93 0.86
CA PHE B 107 5.93 11.99 1.54
C PHE B 107 6.54 11.05 0.50
N THR B 108 7.83 10.77 0.63
CA THR B 108 8.50 9.90 -0.32
C THR B 108 9.23 8.76 0.39
N TYR B 109 9.46 7.67 -0.34
CA TYR B 109 10.22 6.54 0.19
C TYR B 109 11.67 6.99 0.01
N SER B 110 12.47 6.94 1.07
CA SER B 110 13.82 7.48 0.97
C SER B 110 15.03 6.57 0.90
N SER B 111 14.86 5.34 0.47
CA SER B 111 16.01 4.45 0.37
C SER B 111 15.89 3.66 -0.92
N GLU B 112 17.00 3.12 -1.40
CA GLU B 112 16.92 2.29 -2.59
C GLU B 112 16.64 0.87 -2.06
N ARG B 113 17.45 0.41 -1.13
N ARG B 113 17.45 0.40 -1.13
CA ARG B 113 17.27 -0.91 -0.54
CA ARG B 113 17.24 -0.91 -0.55
C ARG B 113 16.35 -0.73 0.66
C ARG B 113 16.28 -0.70 0.60
N SER B 114 15.55 -1.74 0.96
CA SER B 114 14.61 -1.61 2.09
C SER B 114 15.38 -1.51 3.40
N ALA B 115 14.75 -0.87 4.39
CA ALA B 115 15.39 -0.74 5.69
C ALA B 115 15.62 -2.10 6.31
N ALA B 116 14.66 -3.00 6.16
CA ALA B 116 14.80 -4.33 6.74
C ALA B 116 15.99 -5.11 6.15
N GLU B 117 16.18 -5.02 4.85
CA GLU B 117 17.30 -5.72 4.23
C GLU B 117 18.63 -5.11 4.67
N ILE B 118 18.67 -3.79 4.85
CA ILE B 118 19.90 -3.15 5.31
C ILE B 118 20.25 -3.63 6.72
N VAL B 119 19.24 -3.67 7.61
CA VAL B 119 19.48 -4.17 8.96
C VAL B 119 19.98 -5.64 8.90
N ALA B 120 19.33 -6.48 8.09
CA ALA B 120 19.74 -7.87 8.00
C ALA B 120 21.22 -7.99 7.58
N GLU B 121 21.65 -7.14 6.64
CA GLU B 121 23.05 -7.18 6.20
C GLU B 121 24.03 -6.71 7.28
N VAL B 122 23.65 -5.68 8.04
CA VAL B 122 24.51 -5.17 9.10
C VAL B 122 24.69 -6.25 10.18
N LEU B 123 23.64 -7.00 10.44
CA LEU B 123 23.67 -8.07 11.45
C LEU B 123 24.20 -9.40 10.92
N GLU B 124 24.29 -9.53 9.60
CA GLU B 124 24.63 -10.82 8.97
C GLU B 124 23.72 -11.89 9.57
N SER B 125 22.43 -11.60 9.60
CA SER B 125 21.46 -12.53 10.18
C SER B 125 20.26 -12.76 9.29
N GLU B 126 19.77 -14.00 9.25
CA GLU B 126 18.59 -14.30 8.46
C GLU B 126 17.35 -14.24 9.36
N LYS B 127 17.54 -13.94 10.63
CA LYS B 127 16.41 -13.86 11.57
C LYS B 127 15.74 -12.48 11.72
N VAL B 128 15.85 -11.65 10.70
CA VAL B 128 15.21 -10.34 10.72
C VAL B 128 13.80 -10.51 10.14
N VAL B 129 12.79 -9.96 10.81
CA VAL B 129 11.41 -10.04 10.33
C VAL B 129 10.92 -8.61 10.20
N SER B 130 10.38 -8.29 9.03
CA SER B 130 9.88 -6.96 8.75
C SER B 130 8.38 -6.95 9.05
N ALA B 131 7.91 -6.04 9.91
CA ALA B 131 6.49 -5.98 10.23
C ALA B 131 6.20 -4.73 11.05
N LEU B 132 4.90 -4.39 11.10
CA LEU B 132 4.34 -3.29 11.89
C LEU B 132 4.39 -1.89 11.31
N HIS B 133 4.87 -1.77 10.07
CA HIS B 133 4.97 -0.46 9.44
C HIS B 133 3.72 0.36 9.33
N THR B 134 2.58 -0.29 9.26
CA THR B 134 1.35 0.45 9.03
C THR B 134 0.43 0.52 10.23
N ILE B 135 1.00 0.41 11.42
CA ILE B 135 0.23 0.51 12.67
C ILE B 135 0.45 1.95 13.21
N PRO B 136 -0.58 2.82 13.11
CA PRO B 136 -0.41 4.20 13.62
C PRO B 136 -0.23 4.21 15.14
N ALA B 137 0.87 4.81 15.59
CA ALA B 137 1.26 4.80 16.99
C ALA B 137 0.27 5.30 18.04
N ALA B 138 -0.30 6.48 17.80
CA ALA B 138 -1.23 7.07 18.77
C ALA B 138 -2.48 6.22 18.94
N ARG B 139 -3.11 5.84 17.83
CA ARG B 139 -4.30 5.01 17.95
C ARG B 139 -3.91 3.66 18.57
N PHE B 140 -2.75 3.13 18.19
CA PHE B 140 -2.34 1.84 18.74
C PHE B 140 -2.12 1.90 20.27
N ALA B 141 -1.64 3.04 20.75
CA ALA B 141 -1.34 3.20 22.18
C ALA B 141 -2.57 3.52 23.03
N ASN B 142 -3.66 3.87 22.38
CA ASN B 142 -4.90 4.17 23.10
C ASN B 142 -5.62 2.85 23.40
N LEU B 143 -5.53 2.39 24.65
CA LEU B 143 -6.11 1.10 24.98
C LEU B 143 -7.62 1.03 24.86
N ASP B 144 -8.27 2.18 24.67
CA ASP B 144 -9.72 2.23 24.49
C ASP B 144 -10.01 2.23 22.97
N GLU B 145 -8.97 2.36 22.17
CA GLU B 145 -9.08 2.41 20.71
C GLU B 145 -9.58 1.12 20.09
N LYS B 146 -10.52 1.25 19.14
CA LYS B 146 -11.07 0.10 18.43
C LYS B 146 -10.43 0.13 17.04
N PHE B 147 -9.92 -1.00 16.57
CA PHE B 147 -9.32 -1.05 15.23
C PHE B 147 -9.31 -2.44 14.60
N ASP B 148 -9.19 -2.49 13.28
CA ASP B 148 -9.18 -3.76 12.54
C ASP B 148 -8.14 -3.59 11.42
N TRP B 149 -6.90 -3.96 11.71
CA TRP B 149 -5.83 -3.75 10.75
C TRP B 149 -5.10 -5.02 10.37
N ASP B 150 -4.54 -5.00 9.16
CA ASP B 150 -3.74 -6.11 8.68
C ASP B 150 -2.26 -5.68 8.81
N VAL B 151 -1.40 -6.66 9.02
CA VAL B 151 0.02 -6.38 9.21
C VAL B 151 0.84 -7.30 8.29
N PRO B 152 1.31 -6.77 7.15
CA PRO B 152 2.12 -7.59 6.26
C PRO B 152 3.44 -7.92 6.96
N VAL B 153 3.89 -9.16 6.84
CA VAL B 153 5.13 -9.61 7.46
C VAL B 153 6.04 -10.30 6.45
N CYS B 154 7.30 -9.86 6.36
N CYS B 154 7.30 -9.89 6.32
CA CYS B 154 8.30 -10.43 5.45
CA CYS B 154 8.18 -10.61 5.40
C CYS B 154 9.48 -10.98 6.21
C CYS B 154 9.47 -10.96 6.13
N GLY B 155 10.14 -11.99 5.63
CA GLY B 155 11.34 -12.50 6.27
C GLY B 155 11.81 -13.75 5.54
N ASP B 156 13.09 -14.08 5.67
CA ASP B 156 13.66 -15.25 5.01
C ASP B 156 13.74 -16.47 5.90
N ASP B 157 13.54 -16.30 7.20
CA ASP B 157 13.61 -17.46 8.09
C ASP B 157 12.20 -17.84 8.53
N ASP B 158 11.74 -19.00 8.09
CA ASP B 158 10.39 -19.47 8.42
C ASP B 158 10.06 -19.49 9.91
N GLU B 159 10.94 -20.06 10.71
CA GLU B 159 10.66 -20.15 12.13
C GLU B 159 10.51 -18.79 12.79
N SER B 160 11.41 -17.86 12.46
CA SER B 160 11.35 -16.52 13.04
C SER B 160 10.09 -15.80 12.61
N LYS B 161 9.75 -15.91 11.34
CA LYS B 161 8.55 -15.27 10.83
C LYS B 161 7.33 -15.83 11.54
N LYS B 162 7.27 -17.15 11.71
CA LYS B 162 6.13 -17.80 12.39
C LYS B 162 5.98 -17.28 13.81
N VAL B 163 7.10 -17.18 14.51
CA VAL B 163 7.09 -16.67 15.88
C VAL B 163 6.51 -15.25 15.90
N VAL B 164 7.01 -14.38 15.02
CA VAL B 164 6.54 -13.00 15.01
C VAL B 164 5.08 -12.88 14.60
N MET B 165 4.66 -13.64 13.60
CA MET B 165 3.27 -13.60 13.16
C MET B 165 2.35 -14.07 14.29
N SER B 166 2.80 -15.08 15.06
CA SER B 166 2.01 -15.61 16.16
C SER B 166 1.84 -14.55 17.23
N LEU B 167 2.95 -13.87 17.52
CA LEU B 167 2.96 -12.80 18.49
C LEU B 167 1.97 -11.69 18.07
N ILE B 168 2.04 -11.26 16.81
CA ILE B 168 1.17 -10.22 16.33
C ILE B 168 -0.30 -10.63 16.40
N SER B 169 -0.56 -11.87 16.01
CA SER B 169 -1.92 -12.40 16.00
C SER B 169 -2.58 -12.36 17.39
N GLU B 170 -1.79 -12.50 18.44
CA GLU B 170 -2.31 -12.46 19.81
C GLU B 170 -2.99 -11.13 20.11
N ILE B 171 -2.59 -10.08 19.42
CA ILE B 171 -3.17 -8.77 19.67
C ILE B 171 -4.50 -8.61 18.95
N ASP B 172 -5.55 -8.35 19.73
CA ASP B 172 -6.89 -8.19 19.19
C ASP B 172 -6.95 -6.96 18.27
N GLY B 173 -7.41 -7.18 17.04
CA GLY B 173 -7.49 -6.08 16.08
C GLY B 173 -6.38 -6.14 15.04
N LEU B 174 -5.41 -7.02 15.24
CA LEU B 174 -4.33 -7.17 14.27
C LEU B 174 -4.35 -8.54 13.62
N ARG B 175 -4.19 -8.57 12.29
CA ARG B 175 -4.11 -9.84 11.56
C ARG B 175 -2.83 -9.82 10.73
N PRO B 176 -1.87 -10.68 11.06
CA PRO B 176 -0.63 -10.72 10.28
C PRO B 176 -0.86 -11.47 8.97
N LEU B 177 -0.20 -11.04 7.91
CA LEU B 177 -0.30 -11.68 6.60
C LEU B 177 1.11 -11.87 6.07
N ASP B 178 1.42 -13.05 5.58
CA ASP B 178 2.74 -13.33 5.02
C ASP B 178 2.90 -12.54 3.70
N ALA B 179 3.95 -11.73 3.58
CA ALA B 179 4.17 -11.01 2.31
C ALA B 179 5.41 -11.58 1.59
N GLY B 180 5.91 -12.71 2.09
CA GLY B 180 7.03 -13.41 1.45
C GLY B 180 8.40 -13.16 2.01
N PRO B 181 9.45 -13.32 1.18
CA PRO B 181 10.83 -13.12 1.62
C PRO B 181 11.13 -11.66 1.99
N LEU B 182 12.24 -11.45 2.67
CA LEU B 182 12.61 -10.11 3.07
C LEU B 182 12.78 -9.21 1.84
N SER B 183 13.05 -9.79 0.67
CA SER B 183 13.18 -9.00 -0.55
C SER B 183 11.90 -8.25 -0.94
N ASN B 184 10.78 -8.54 -0.27
CA ASN B 184 9.53 -7.85 -0.57
C ASN B 184 9.28 -6.73 0.45
N SER B 185 10.24 -6.52 1.35
CA SER B 185 10.06 -5.50 2.37
C SER B 185 9.91 -4.09 1.83
N ARG B 186 10.55 -3.79 0.70
CA ARG B 186 10.39 -2.43 0.18
C ARG B 186 8.92 -2.13 -0.16
N LEU B 187 8.20 -3.13 -0.67
CA LEU B 187 6.79 -2.93 -1.02
C LEU B 187 5.94 -2.73 0.23
N VAL B 188 6.32 -3.39 1.33
CA VAL B 188 5.56 -3.25 2.58
C VAL B 188 5.87 -1.89 3.23
N GLU B 189 7.17 -1.56 3.29
CA GLU B 189 7.63 -0.30 3.86
C GLU B 189 7.04 0.90 3.11
N SER B 190 6.85 0.74 1.81
CA SER B 190 6.29 1.81 0.99
C SER B 190 4.84 2.15 1.30
N LEU B 191 4.15 1.25 1.98
CA LEU B 191 2.76 1.52 2.33
C LEU B 191 2.69 2.75 3.25
N THR B 192 3.71 2.95 4.07
CA THR B 192 3.66 4.06 5.03
C THR B 192 3.66 5.43 4.36
N PRO B 193 4.64 5.70 3.47
CA PRO B 193 4.60 7.02 2.84
C PRO B 193 3.28 7.17 2.03
N LEU B 194 2.73 6.08 1.49
CA LEU B 194 1.45 6.21 0.75
C LEU B 194 0.35 6.64 1.74
N ILE B 195 0.30 6.01 2.90
CA ILE B 195 -0.70 6.36 3.91
C ILE B 195 -0.53 7.80 4.37
N LEU B 196 0.70 8.21 4.65
CA LEU B 196 0.94 9.58 5.10
C LEU B 196 0.46 10.58 4.03
N ASN B 197 0.67 10.25 2.76
CA ASN B 197 0.18 11.13 1.70
C ASN B 197 -1.35 11.20 1.70
N ILE B 198 -2.01 10.06 1.87
CA ILE B 198 -3.46 10.06 1.88
C ILE B 198 -3.98 10.90 3.06
N MET B 199 -3.34 10.78 4.21
CA MET B 199 -3.77 11.55 5.37
C MET B 199 -3.61 13.06 5.07
N ARG B 200 -2.49 13.43 4.46
CA ARG B 200 -2.26 14.82 4.14
C ARG B 200 -3.20 15.38 3.08
N PHE B 201 -3.37 14.66 1.97
CA PHE B 201 -4.16 15.22 0.89
C PHE B 201 -5.66 15.06 0.98
N ASN B 202 -6.16 14.27 1.93
N ASN B 202 -6.09 14.20 1.90
CA ASN B 202 -7.60 14.11 2.15
CA ASN B 202 -7.50 13.91 2.12
C ASN B 202 -8.01 14.63 3.48
C ASN B 202 -7.92 14.38 3.54
N GLY B 203 -7.03 15.12 4.23
CA GLY B 203 -7.34 15.62 5.55
C GLY B 203 -7.90 14.54 6.46
N MET B 204 -7.17 13.44 6.57
CA MET B 204 -7.62 12.35 7.43
C MET B 204 -6.67 12.11 8.58
N GLY B 205 -7.21 11.50 9.64
CA GLY B 205 -6.40 11.17 10.80
C GLY B 205 -5.63 9.89 10.54
N GLU B 206 -5.01 9.34 11.59
CA GLU B 206 -4.20 8.13 11.48
C GLU B 206 -4.95 6.96 10.89
N LEU B 207 -4.31 6.29 9.94
CA LEU B 207 -4.93 5.16 9.26
C LEU B 207 -4.04 3.92 9.22
N GLY B 208 -4.71 2.77 9.20
CA GLY B 208 -4.05 1.50 9.05
C GLY B 208 -4.63 0.97 7.73
N ILE B 209 -4.33 -0.28 7.38
CA ILE B 209 -4.85 -0.87 6.15
C ILE B 209 -5.47 -2.23 6.35
N LYS B 210 -6.36 -2.59 5.43
CA LYS B 210 -7.01 -3.89 5.46
C LYS B 210 -7.09 -4.41 4.02
N PHE B 211 -6.80 -5.69 3.84
CA PHE B 211 -6.88 -6.29 2.51
C PHE B 211 -8.18 -7.08 2.52
N LEU B 212 -9.07 -6.77 1.58
CA LEU B 212 -10.39 -7.41 1.57
C LEU B 212 -10.98 -7.52 0.16
#